data_2ESC
#
_entry.id   2ESC
#
_cell.length_a   62.683
_cell.length_b   67.417
_cell.length_c   106.900
_cell.angle_alpha   90.00
_cell.angle_beta   90.00
_cell.angle_gamma   90.00
#
_symmetry.space_group_name_H-M   'P 21 21 21'
#
loop_
_entity.id
_entity.type
_entity.pdbx_description
1 polymer 'Chitinase-3-like protein 1'
2 branched alpha-D-mannopyranose-(1-4)-alpha-D-mannopyranose-(1-6)-[alpha-D-mannopyranose-(1-3)]alpha-D-mannopyranose-(1-4)-2-acetamido-2-deoxy-beta-D-glucopyranose-(1-4)-2-acetamido-2-deoxy-beta-D-glucopyranose
3 water water
#
_entity_poly.entity_id   1
_entity_poly.type   'polypeptide(L)'
_entity_poly.pdbx_seq_one_letter_code
;YKLICYYTSWSQYREGDGSCFPDAIDPFLCTHVIYSFANISNNEIDTWEWNDVTLYDTLNTLKNRNPNLKTLLSVGGWNF
GSERFSKIASKTQSRRTFIKSVPPFLRTHGFDGLDLAWLYPGWRDKRHLTTLVKEMKAEFVREAQAGTEQLLLSAAVTAG
KIAIDRGYDIAQISRHLDFISLLTYDFHGGWRGTVGHHSPLFRGNSDGSSRFSNADYAVSYMLRLGAPANKLVMGIPTFG
RSYTLASSSTRVGAPISGPGIPGQFTKEKGILAYYEICDFLHGATTHRFRDQQVPYATKGNQWVAYDDQESVKNKARYLK
NRQLAGAMVWALDLDDFRGTFCGQNLTFPLTSAIKDVLARV
;
_entity_poly.pdbx_strand_id   A
#
# COMPACT_ATOMS: atom_id res chain seq x y z
N TYR A 1 17.43 -5.09 -3.37
CA TYR A 1 15.93 -5.14 -3.30
C TYR A 1 15.38 -3.75 -2.98
N LYS A 2 14.17 -3.44 -3.41
CA LYS A 2 13.53 -2.17 -3.03
C LYS A 2 12.62 -2.43 -1.84
N LEU A 3 12.57 -1.47 -0.94
CA LEU A 3 11.61 -1.48 0.17
C LEU A 3 10.83 -0.15 0.07
N ILE A 4 9.60 -0.21 -0.43
CA ILE A 4 8.78 0.98 -0.72
C ILE A 4 7.83 1.15 0.44
N CYS A 5 7.86 2.27 1.14
CA CYS A 5 7.07 2.45 2.33
C CYS A 5 6.13 3.70 2.23
N TYR A 6 4.84 3.53 2.44
CA TYR A 6 3.92 4.64 2.40
C TYR A 6 3.81 5.28 3.78
N TYR A 7 3.73 6.60 3.78
CA TYR A 7 3.42 7.41 4.95
C TYR A 7 2.08 8.14 4.60
N THR A 8 1.09 8.12 5.49
CA THR A 8 -0.20 8.75 5.20
C THR A 8 -0.36 10.07 6.00
N SER A 9 -0.74 11.14 5.30
CA SER A 9 -0.83 12.47 5.91
C SER A 9 -1.84 12.61 7.02
N TRP A 10 -2.89 11.81 7.01
CA TRP A 10 -3.90 11.93 8.03
C TRP A 10 -3.48 11.28 9.34
N SER A 11 -2.37 10.56 9.35
CA SER A 11 -1.92 9.94 10.57
C SER A 11 -1.43 10.94 11.62
N GLN A 12 -1.19 12.18 11.22
CA GLN A 12 -0.75 13.27 12.13
C GLN A 12 -1.81 13.65 13.17
N TYR A 13 -3.07 13.36 12.87
CA TYR A 13 -4.20 13.78 13.70
C TYR A 13 -4.57 12.77 14.75
N ARG A 14 -3.91 11.62 14.78
CA ARG A 14 -4.25 10.57 15.74
C ARG A 14 -3.79 10.97 17.13
N GLU A 15 -4.52 10.59 18.18
CA GLU A 15 -4.13 11.14 19.48
C GLU A 15 -2.99 10.46 20.19
N GLY A 16 -2.37 11.26 21.04
CA GLY A 16 -1.20 10.88 21.80
C GLY A 16 -0.16 10.17 20.95
N ASP A 17 0.21 8.98 21.41
CA ASP A 17 1.28 8.18 20.78
C ASP A 17 0.96 7.71 19.34
N GLY A 18 -0.30 7.65 18.98
CA GLY A 18 -0.68 7.27 17.63
C GLY A 18 -0.32 8.30 16.58
N SER A 19 -0.10 9.55 17.01
CA SER A 19 0.31 10.67 16.14
C SER A 19 1.65 10.39 15.47
N CYS A 20 1.71 10.50 14.15
CA CYS A 20 2.93 10.16 13.44
C CYS A 20 3.23 11.26 12.44
N PHE A 21 4.39 11.90 12.59
CA PHE A 21 4.91 12.92 11.66
C PHE A 21 6.09 12.35 10.89
N PRO A 22 6.40 12.86 9.69
CA PRO A 22 7.50 12.30 8.89
C PRO A 22 8.81 12.14 9.67
N ASP A 23 8.95 12.98 10.68
CA ASP A 23 9.98 13.01 11.71
C ASP A 23 10.36 11.64 12.34
N ALA A 24 9.34 10.82 12.52
CA ALA A 24 9.48 9.56 13.17
C ALA A 24 10.12 8.49 12.27
N ILE A 25 10.28 8.79 11.00
CA ILE A 25 10.75 7.79 10.05
C ILE A 25 12.25 7.63 10.09
N ASP A 26 12.72 6.42 10.33
CA ASP A 26 14.15 6.12 10.24
C ASP A 26 14.59 6.25 8.78
N PRO A 27 15.51 7.14 8.48
CA PRO A 27 15.94 7.37 7.08
C PRO A 27 16.62 6.19 6.37
N PHE A 28 17.12 5.22 7.13
CA PHE A 28 17.84 4.04 6.61
C PHE A 28 16.96 2.80 6.53
N LEU A 29 15.73 2.88 7.00
CA LEU A 29 14.84 1.73 7.00
C LEU A 29 14.38 1.34 5.56
N CYS A 30 13.78 2.29 4.86
CA CYS A 30 13.19 2.04 3.55
C CYS A 30 14.09 2.60 2.46
N THR A 31 13.97 2.10 1.24
CA THR A 31 14.64 2.71 0.11
C THR A 31 13.84 3.89 -0.50
N HIS A 32 12.52 3.85 -0.44
CA HIS A 32 11.62 4.84 -1.05
C HIS A 32 10.50 5.08 -0.05
N VAL A 33 10.20 6.35 0.23
CA VAL A 33 9.03 6.68 1.04
C VAL A 33 8.03 7.48 0.20
N ILE A 34 6.78 7.05 0.21
CA ILE A 34 5.68 7.67 -0.55
C ILE A 34 4.71 8.35 0.40
N TYR A 35 4.49 9.65 0.14
CA TYR A 35 3.56 10.47 0.89
C TYR A 35 2.16 10.39 0.24
N SER A 36 1.13 10.05 1.01
CA SER A 36 -0.24 9.88 0.51
C SER A 36 -1.09 10.86 1.22
N PHE A 37 -1.92 11.64 0.55
CA PHE A 37 -2.14 11.66 -0.89
C PHE A 37 -2.19 13.14 -1.29
N ALA A 38 -1.84 13.44 -2.55
CA ALA A 38 -2.09 14.73 -3.12
C ALA A 38 -3.51 14.78 -3.75
N ASN A 39 -4.01 16.02 -3.90
CA ASN A 39 -5.28 16.35 -4.55
C ASN A 39 -5.09 16.80 -6.00
N ILE A 40 -6.21 16.93 -6.72
CA ILE A 40 -6.25 17.60 -8.04
C ILE A 40 -7.32 18.72 -7.96
N SER A 41 -6.91 19.99 -8.10
CA SER A 41 -7.82 21.17 -8.13
C SER A 41 -7.46 22.00 -9.32
N ASN A 42 -8.49 22.52 -9.97
CA ASN A 42 -8.32 23.26 -11.19
C ASN A 42 -7.51 22.44 -12.17
N ASN A 43 -7.73 21.14 -12.25
CA ASN A 43 -6.98 20.23 -13.13
C ASN A 43 -5.45 20.17 -12.90
N GLU A 44 -4.98 20.63 -11.75
CA GLU A 44 -3.54 20.62 -11.43
C GLU A 44 -3.26 19.83 -10.15
N ILE A 45 -2.08 19.22 -10.01
CA ILE A 45 -1.75 18.57 -8.74
C ILE A 45 -1.73 19.62 -7.65
N ASP A 46 -2.17 19.28 -6.44
CA ASP A 46 -2.16 20.27 -5.38
C ASP A 46 -2.06 19.56 -4.04
N THR A 47 -1.83 20.33 -2.99
CA THR A 47 -1.84 19.81 -1.61
C THR A 47 -3.20 19.35 -1.21
N TRP A 48 -3.27 18.52 -0.18
CA TRP A 48 -4.51 18.04 0.39
C TRP A 48 -4.72 18.70 1.77
N GLU A 49 -3.81 18.43 2.69
CA GLU A 49 -3.91 18.94 4.04
C GLU A 49 -3.45 20.40 4.09
N TRP A 50 -3.94 21.13 5.09
CA TRP A 50 -3.57 22.53 5.32
C TRP A 50 -2.04 22.71 5.55
N ASN A 51 -1.42 21.80 6.27
CA ASN A 51 0.01 21.93 6.56
C ASN A 51 0.91 21.00 5.70
N ASP A 52 0.40 20.50 4.58
CA ASP A 52 1.20 19.63 3.72
C ASP A 52 2.54 20.26 3.34
N VAL A 53 2.55 21.53 2.99
CA VAL A 53 3.82 22.21 2.60
C VAL A 53 4.92 22.02 3.65
N THR A 54 4.56 22.13 4.92
CA THR A 54 5.46 21.88 6.04
C THR A 54 5.85 20.38 6.14
N LEU A 55 4.88 19.49 6.03
CA LEU A 55 5.17 18.06 6.14
C LEU A 55 6.04 17.55 5.00
N TYR A 56 5.81 18.03 3.78
CA TYR A 56 6.69 17.71 2.66
C TYR A 56 8.14 17.98 3.01
N ASP A 57 8.32 19.16 3.61
CA ASP A 57 9.62 19.67 3.96
C ASP A 57 10.26 18.80 5.06
N THR A 58 9.47 18.35 6.03
CA THR A 58 9.97 17.52 7.12
C THR A 58 10.40 16.15 6.58
N LEU A 59 9.60 15.61 5.65
CA LEU A 59 9.89 14.33 5.00
C LEU A 59 11.17 14.41 4.20
N ASN A 60 11.26 15.43 3.37
CA ASN A 60 12.42 15.56 2.49
C ASN A 60 13.75 15.94 3.23
N THR A 61 13.69 16.39 4.49
CA THR A 61 14.94 16.57 5.26
C THR A 61 15.59 15.25 5.72
N LEU A 62 14.82 14.15 5.69
CA LEU A 62 15.39 12.83 5.95
C LEU A 62 16.53 12.56 5.01
N LYS A 63 16.51 13.21 3.86
CA LYS A 63 17.52 13.04 2.86
C LYS A 63 18.84 13.68 3.24
N ASN A 64 18.83 14.56 4.24
CA ASN A 64 20.07 15.14 4.77
C ASN A 64 20.89 14.07 5.50
N ARG A 65 20.21 13.07 6.07
CA ARG A 65 20.89 11.98 6.77
C ARG A 65 21.14 10.77 5.91
N ASN A 66 20.21 10.47 5.00
CA ASN A 66 20.39 9.41 3.98
C ASN A 66 20.14 9.98 2.59
N PRO A 67 21.21 10.46 1.96
CA PRO A 67 21.17 11.05 0.61
C PRO A 67 20.69 10.08 -0.47
N ASN A 68 20.75 8.79 -0.25
CA ASN A 68 20.18 7.81 -1.16
C ASN A 68 18.68 7.56 -1.05
N LEU A 69 18.04 8.01 0.00
CA LEU A 69 16.61 7.85 0.09
C LEU A 69 15.87 8.61 -1.03
N LYS A 70 14.88 7.96 -1.64
CA LYS A 70 13.99 8.61 -2.62
C LYS A 70 12.60 8.79 -2.03
N THR A 71 11.95 9.90 -2.36
CA THR A 71 10.60 10.19 -1.88
C THR A 71 9.68 10.39 -3.09
N LEU A 72 8.44 9.94 -3.01
CA LEU A 72 7.46 10.11 -4.08
C LEU A 72 6.22 10.71 -3.45
N LEU A 73 5.40 11.35 -4.29
CA LEU A 73 4.10 11.87 -3.89
C LEU A 73 3.05 11.05 -4.62
N SER A 74 2.08 10.54 -3.86
CA SER A 74 1.04 9.69 -4.45
C SER A 74 -0.23 10.56 -4.69
N VAL A 75 -0.82 10.51 -5.87
CA VAL A 75 -2.03 11.32 -6.16
C VAL A 75 -3.20 10.33 -6.31
N GLY A 76 -4.35 10.66 -5.72
CA GLY A 76 -5.57 9.89 -5.82
C GLY A 76 -5.92 9.33 -4.48
N GLY A 77 -5.99 8.00 -4.37
CA GLY A 77 -6.33 7.34 -3.13
C GLY A 77 -7.83 7.04 -3.03
N TRP A 78 -8.22 6.43 -1.92
CA TRP A 78 -9.65 6.13 -1.68
C TRP A 78 -10.59 7.31 -1.55
N ASN A 79 -10.16 8.41 -0.93
CA ASN A 79 -11.11 9.52 -0.73
C ASN A 79 -11.20 10.42 -1.92
N PHE A 80 -10.44 10.07 -2.95
CA PHE A 80 -10.49 10.72 -4.22
C PHE A 80 -11.53 9.99 -5.09
N GLY A 81 -12.46 10.73 -5.68
CA GLY A 81 -13.43 10.09 -6.57
C GLY A 81 -12.78 9.47 -7.82
N SER A 82 -12.92 8.15 -8.00
CA SER A 82 -12.54 7.48 -9.27
C SER A 82 -13.09 8.18 -10.51
N GLU A 83 -14.32 8.68 -10.37
CA GLU A 83 -14.98 9.45 -11.41
C GLU A 83 -14.25 10.77 -11.68
N ARG A 84 -13.65 11.37 -10.65
CA ARG A 84 -12.87 12.60 -10.81
C ARG A 84 -11.61 12.29 -11.64
N PHE A 85 -10.95 11.17 -11.38
CA PHE A 85 -9.81 10.75 -12.22
C PHE A 85 -10.24 10.47 -13.65
N SER A 86 -11.37 9.80 -13.77
CA SER A 86 -11.92 9.43 -15.06
C SER A 86 -12.14 10.66 -15.95
N LYS A 87 -12.79 11.67 -15.39
CA LYS A 87 -13.04 12.94 -16.07
C LYS A 87 -11.75 13.65 -16.48
N ILE A 88 -10.73 13.63 -15.62
CA ILE A 88 -9.46 14.26 -15.94
C ILE A 88 -8.78 13.55 -17.09
N ALA A 89 -8.62 12.21 -17.00
CA ALA A 89 -7.86 11.41 -17.97
C ALA A 89 -8.48 11.27 -19.36
N SER A 90 -9.80 11.26 -19.44
CA SER A 90 -10.47 11.02 -20.72
C SER A 90 -10.62 12.22 -21.65
N LYS A 91 -10.32 13.42 -21.18
CA LYS A 91 -10.39 14.64 -22.00
C LYS A 91 -8.97 15.18 -22.16
N THR A 92 -8.54 15.37 -23.40
CA THR A 92 -7.15 15.69 -23.65
C THR A 92 -6.71 17.00 -22.99
N GLN A 93 -7.54 18.03 -23.04
CA GLN A 93 -7.18 19.32 -22.40
C GLN A 93 -7.04 19.24 -20.88
N SER A 94 -7.95 18.54 -20.22
CA SER A 94 -7.79 18.37 -18.79
C SER A 94 -6.54 17.54 -18.44
N ARG A 95 -6.33 16.48 -19.19
CA ARG A 95 -5.24 15.54 -18.94
C ARG A 95 -3.91 16.23 -19.11
N ARG A 96 -3.80 17.06 -20.15
CA ARG A 96 -2.58 17.84 -20.45
C ARG A 96 -2.25 18.86 -19.34
N THR A 97 -3.26 19.56 -18.86
CA THR A 97 -3.07 20.56 -17.81
C THR A 97 -2.50 19.88 -16.55
N PHE A 98 -3.08 18.72 -16.22
CA PHE A 98 -2.67 17.93 -15.06
C PHE A 98 -1.19 17.51 -15.19
N ILE A 99 -0.86 16.85 -16.31
CA ILE A 99 0.50 16.37 -16.55
C ILE A 99 1.54 17.48 -16.46
N LYS A 100 1.28 18.63 -17.09
CA LYS A 100 2.22 19.73 -17.05
C LYS A 100 2.40 20.32 -15.66
N SER A 101 1.39 20.26 -14.81
CA SER A 101 1.53 20.81 -13.49
C SER A 101 2.35 19.97 -12.52
N VAL A 102 2.60 18.70 -12.84
CA VAL A 102 3.27 17.77 -11.89
C VAL A 102 4.78 18.03 -11.70
N PRO A 103 5.60 18.07 -12.74
CA PRO A 103 7.04 18.27 -12.50
C PRO A 103 7.39 19.52 -11.68
N PRO A 104 6.87 20.72 -11.98
CA PRO A 104 7.16 21.90 -11.15
C PRO A 104 6.74 21.77 -9.71
N PHE A 105 5.61 21.13 -9.45
CA PHE A 105 5.15 20.91 -8.08
C PHE A 105 6.11 19.99 -7.30
N LEU A 106 6.51 18.89 -7.94
CA LEU A 106 7.42 17.90 -7.33
C LEU A 106 8.79 18.54 -7.02
N ARG A 107 9.29 19.35 -7.95
CA ARG A 107 10.58 20.05 -7.81
C ARG A 107 10.56 21.10 -6.69
N THR A 108 9.51 21.89 -6.62
CA THR A 108 9.38 22.89 -5.57
C THR A 108 9.45 22.30 -4.19
N HIS A 109 8.83 21.14 -4.01
CA HIS A 109 8.71 20.56 -2.70
C HIS A 109 9.69 19.44 -2.40
N GLY A 110 10.56 19.10 -3.35
CA GLY A 110 11.64 18.13 -3.11
C GLY A 110 11.40 16.64 -3.33
N PHE A 111 10.32 16.27 -4.02
CA PHE A 111 10.05 14.89 -4.35
C PHE A 111 10.84 14.38 -5.54
N ASP A 112 11.07 13.07 -5.56
CA ASP A 112 11.81 12.42 -6.63
C ASP A 112 10.92 11.75 -7.66
N GLY A 113 9.61 11.82 -7.47
CA GLY A 113 8.67 11.16 -8.37
C GLY A 113 7.24 11.19 -7.92
N LEU A 114 6.42 10.59 -8.76
CA LEU A 114 4.97 10.58 -8.58
C LEU A 114 4.47 9.16 -8.57
N ASP A 115 3.58 8.83 -7.62
CA ASP A 115 2.89 7.54 -7.55
C ASP A 115 1.42 7.77 -8.00
N LEU A 116 0.91 7.00 -8.95
CA LEU A 116 -0.52 7.10 -9.34
C LEU A 116 -1.34 6.11 -8.55
N ALA A 117 -2.32 6.60 -7.81
CA ALA A 117 -3.21 5.71 -7.05
C ALA A 117 -4.66 5.96 -7.47
N TRP A 118 -4.94 5.72 -8.73
CA TRP A 118 -6.31 5.73 -9.24
C TRP A 118 -6.93 4.40 -8.86
N LEU A 119 -7.86 4.42 -7.93
CA LEU A 119 -8.54 3.22 -7.44
C LEU A 119 -10.07 3.42 -7.65
N TYR A 120 -10.67 2.86 -8.69
CA TYR A 120 -10.07 1.98 -9.69
C TYR A 120 -10.72 2.34 -11.03
N PRO A 121 -9.97 2.20 -12.11
CA PRO A 121 -10.51 2.44 -13.44
C PRO A 121 -11.53 1.37 -13.80
N GLY A 122 -12.62 1.78 -14.46
CA GLY A 122 -13.66 0.85 -14.92
C GLY A 122 -13.21 0.34 -16.27
N TRP A 123 -14.03 -0.50 -16.91
CA TRP A 123 -13.72 -1.03 -18.24
C TRP A 123 -13.72 0.09 -19.27
N ARG A 124 -14.53 1.14 -19.07
CA ARG A 124 -14.45 2.29 -19.97
C ARG A 124 -13.18 3.14 -19.78
N ASP A 125 -12.57 3.10 -18.60
CA ASP A 125 -11.35 3.86 -18.27
C ASP A 125 -10.02 3.23 -18.66
N LYS A 126 -10.00 1.91 -18.89
CA LYS A 126 -8.73 1.20 -19.16
C LYS A 126 -7.85 1.86 -20.23
N ARG A 127 -8.48 2.30 -21.33
CA ARG A 127 -7.73 2.97 -22.41
C ARG A 127 -7.10 4.31 -21.95
N HIS A 128 -7.88 5.10 -21.22
CA HIS A 128 -7.45 6.40 -20.72
C HIS A 128 -6.32 6.28 -19.65
N LEU A 129 -6.31 5.18 -18.89
CA LEU A 129 -5.25 4.93 -17.90
C LEU A 129 -3.94 4.78 -18.64
N THR A 130 -3.95 3.96 -19.70
CA THR A 130 -2.81 3.72 -20.53
C THR A 130 -2.23 5.04 -21.10
N THR A 131 -3.11 5.87 -21.61
CA THR A 131 -2.79 7.17 -22.16
C THR A 131 -2.19 8.07 -21.09
N LEU A 132 -2.81 8.11 -19.92
CA LEU A 132 -2.30 8.93 -18.83
C LEU A 132 -0.86 8.55 -18.44
N VAL A 133 -0.60 7.26 -18.29
CA VAL A 133 0.71 6.74 -17.90
C VAL A 133 1.77 7.07 -18.94
N LYS A 134 1.43 6.76 -20.20
CA LYS A 134 2.28 7.02 -21.35
C LYS A 134 2.72 8.50 -21.41
N GLU A 135 1.73 9.38 -21.37
CA GLU A 135 1.94 10.80 -21.55
C GLU A 135 2.61 11.42 -20.31
N MET A 136 2.36 10.84 -19.14
CA MET A 136 2.98 11.29 -17.90
C MET A 136 4.47 10.99 -17.98
N LYS A 137 4.80 9.77 -18.38
CA LYS A 137 6.19 9.34 -18.48
C LYS A 137 6.89 10.17 -19.56
N ALA A 138 6.25 10.40 -20.71
CA ALA A 138 6.89 11.21 -21.76
C ALA A 138 7.32 12.59 -21.23
N GLU A 139 6.45 13.22 -20.45
CA GLU A 139 6.68 14.54 -19.87
C GLU A 139 7.82 14.52 -18.85
N PHE A 140 7.92 13.45 -18.07
CA PHE A 140 9.05 13.32 -17.15
C PHE A 140 10.38 13.17 -17.91
N VAL A 141 10.31 12.49 -19.03
CA VAL A 141 11.50 12.32 -19.85
C VAL A 141 11.95 13.66 -20.43
N ARG A 142 11.01 14.47 -20.88
CA ARG A 142 11.26 15.79 -21.46
C ARG A 142 11.81 16.74 -20.38
N GLU A 143 11.24 16.67 -19.17
CA GLU A 143 11.66 17.56 -18.10
C GLU A 143 13.12 17.32 -17.68
N ALA A 144 13.58 16.09 -17.80
CA ALA A 144 14.93 15.71 -17.39
C ALA A 144 16.02 16.27 -18.33
N GLN A 145 15.63 16.79 -19.48
CA GLN A 145 16.59 17.38 -20.42
C GLN A 145 17.18 18.66 -19.83
N ALA A 146 16.52 19.19 -18.81
CA ALA A 146 16.99 20.40 -18.12
C ALA A 146 18.14 20.08 -17.17
N GLY A 147 18.55 18.82 -17.11
CA GLY A 147 19.76 18.46 -16.41
C GLY A 147 19.53 17.95 -15.02
N THR A 148 18.27 17.79 -14.66
CA THR A 148 17.91 17.25 -13.38
C THR A 148 17.69 15.75 -13.50
N GLU A 149 17.93 15.03 -12.42
CA GLU A 149 17.68 13.62 -12.33
C GLU A 149 16.20 13.31 -12.66
N GLN A 150 15.94 12.41 -13.62
CA GLN A 150 14.59 12.12 -14.09
C GLN A 150 13.64 11.69 -12.99
N LEU A 151 12.45 12.30 -12.95
CA LEU A 151 11.40 11.92 -12.01
C LEU A 151 10.95 10.45 -12.19
N LEU A 152 10.68 9.76 -11.08
CA LEU A 152 10.20 8.37 -11.09
C LEU A 152 8.67 8.41 -11.25
N LEU A 153 8.12 7.35 -11.82
CA LEU A 153 6.65 7.16 -12.02
C LEU A 153 6.32 5.74 -11.58
N SER A 154 5.45 5.62 -10.57
CA SER A 154 4.94 4.34 -10.14
C SER A 154 3.44 4.34 -10.09
N ALA A 155 2.87 3.16 -9.89
CA ALA A 155 1.44 3.03 -9.79
C ALA A 155 1.12 1.96 -8.79
N ALA A 156 0.04 2.17 -8.06
CA ALA A 156 -0.45 1.16 -7.13
C ALA A 156 -1.54 0.41 -7.85
N VAL A 157 -1.46 -0.93 -7.94
CA VAL A 157 -2.40 -1.74 -8.72
C VAL A 157 -3.03 -2.81 -7.84
N THR A 158 -4.34 -2.89 -7.93
CA THR A 158 -5.13 -3.85 -7.20
C THR A 158 -4.75 -5.30 -7.58
N ALA A 159 -4.92 -6.25 -6.66
CA ALA A 159 -4.45 -7.64 -6.89
C ALA A 159 -5.54 -8.66 -7.23
N GLY A 160 -6.80 -8.22 -7.29
CA GLY A 160 -7.92 -9.12 -7.60
C GLY A 160 -8.02 -9.25 -9.11
N LYS A 161 -8.14 -10.48 -9.56
CA LYS A 161 -8.21 -10.85 -10.98
C LYS A 161 -9.16 -9.98 -11.81
N ILE A 162 -10.38 -9.82 -11.31
CA ILE A 162 -11.40 -9.10 -12.02
C ILE A 162 -11.12 -7.60 -12.16
N ALA A 163 -10.61 -6.95 -11.10
CA ALA A 163 -10.18 -5.54 -11.15
C ALA A 163 -9.06 -5.35 -12.15
N ILE A 164 -8.09 -6.25 -12.15
CA ILE A 164 -6.99 -6.19 -13.11
C ILE A 164 -7.56 -6.24 -14.56
N ASP A 165 -8.36 -7.28 -14.85
CA ASP A 165 -8.87 -7.55 -16.21
C ASP A 165 -9.71 -6.40 -16.74
N ARG A 166 -10.53 -5.86 -15.86
CA ARG A 166 -11.41 -4.74 -16.16
C ARG A 166 -10.69 -3.42 -16.46
N GLY A 167 -9.74 -3.08 -15.62
CA GLY A 167 -9.18 -1.74 -15.65
C GLY A 167 -7.80 -1.46 -16.15
N TYR A 168 -6.99 -2.48 -16.36
CA TYR A 168 -5.54 -2.26 -16.48
C TYR A 168 -4.93 -3.02 -17.63
N ASP A 169 -4.30 -2.31 -18.52
CA ASP A 169 -3.57 -2.98 -19.58
C ASP A 169 -2.15 -3.14 -19.05
N ILE A 170 -1.92 -4.20 -18.25
CA ILE A 170 -0.63 -4.46 -17.61
C ILE A 170 0.56 -4.48 -18.57
N ALA A 171 0.42 -5.19 -19.67
CA ALA A 171 1.50 -5.28 -20.67
C ALA A 171 1.96 -3.89 -21.18
N GLN A 172 1.01 -2.99 -21.41
CA GLN A 172 1.33 -1.62 -21.82
C GLN A 172 1.84 -0.71 -20.71
N ILE A 173 1.21 -0.68 -19.55
CA ILE A 173 1.64 0.31 -18.57
C ILE A 173 2.97 -0.06 -17.95
N SER A 174 3.27 -1.36 -17.92
CA SER A 174 4.51 -1.90 -17.34
C SER A 174 5.75 -1.30 -17.95
N ARG A 175 5.69 -1.03 -19.24
CA ARG A 175 6.85 -0.44 -19.94
C ARG A 175 7.15 0.99 -19.61
N HIS A 176 6.19 1.74 -19.09
CA HIS A 176 6.42 3.15 -18.78
C HIS A 176 6.63 3.43 -17.32
N LEU A 177 6.26 2.48 -16.47
CA LEU A 177 6.33 2.65 -15.02
C LEU A 177 7.67 2.23 -14.51
N ASP A 178 8.20 2.89 -13.47
CA ASP A 178 9.44 2.44 -12.83
C ASP A 178 9.24 1.22 -11.93
N PHE A 179 8.14 1.20 -11.19
CA PHE A 179 7.71 0.04 -10.47
C PHE A 179 6.18 0.07 -10.32
N ILE A 180 5.64 -1.11 -10.00
CA ILE A 180 4.22 -1.32 -9.81
C ILE A 180 4.12 -1.98 -8.46
N SER A 181 3.34 -1.39 -7.57
CA SER A 181 3.09 -1.98 -6.27
C SER A 181 1.78 -2.74 -6.37
N LEU A 182 1.82 -4.05 -6.11
CA LEU A 182 0.65 -4.91 -6.10
C LEU A 182 -0.01 -4.90 -4.74
N LEU A 183 -1.27 -4.54 -4.69
CA LEU A 183 -1.97 -4.41 -3.42
C LEU A 183 -2.52 -5.76 -2.96
N THR A 184 -1.61 -6.66 -2.58
CA THR A 184 -1.97 -8.01 -2.22
C THR A 184 -2.45 -8.10 -0.78
N TYR A 185 -3.40 -7.28 -0.43
CA TYR A 185 -3.90 -7.33 0.92
C TYR A 185 -5.33 -6.93 1.01
N ASP A 186 -6.05 -7.01 -0.10
CA ASP A 186 -7.49 -6.73 -0.08
C ASP A 186 -8.32 -7.91 -0.55
N PHE A 187 -7.94 -9.12 -0.18
CA PHE A 187 -8.60 -10.35 -0.64
C PHE A 187 -9.85 -10.76 0.17
N HIS A 188 -10.27 -9.93 1.13
CA HIS A 188 -11.43 -10.19 1.97
C HIS A 188 -11.77 -8.88 2.69
N GLY A 189 -13.00 -8.76 3.15
CA GLY A 189 -13.54 -7.56 3.77
C GLY A 189 -14.95 -7.82 4.34
N GLY A 190 -15.47 -6.86 5.10
CA GLY A 190 -16.84 -6.90 5.63
C GLY A 190 -17.92 -7.18 4.57
N TRP A 191 -17.67 -6.79 3.32
CA TRP A 191 -18.59 -7.04 2.17
C TRP A 191 -19.10 -8.49 2.00
N ARG A 192 -18.32 -9.49 2.40
CA ARG A 192 -18.88 -10.86 2.53
C ARG A 192 -19.36 -11.06 3.97
N GLY A 193 -20.22 -12.04 4.18
CA GLY A 193 -20.85 -12.19 5.47
C GLY A 193 -20.11 -13.21 6.29
N THR A 194 -18.86 -13.49 5.93
CA THR A 194 -18.04 -14.42 6.69
C THR A 194 -16.66 -13.87 7.08
N VAL A 195 -16.00 -14.64 7.94
CA VAL A 195 -14.65 -14.43 8.41
C VAL A 195 -13.65 -15.00 7.38
N GLY A 196 -12.55 -14.27 7.15
CA GLY A 196 -11.50 -14.76 6.27
C GLY A 196 -10.32 -13.83 6.31
N HIS A 197 -9.24 -14.24 5.66
CA HIS A 197 -8.02 -13.47 5.65
C HIS A 197 -7.88 -12.66 4.34
N HIS A 198 -7.57 -11.36 4.47
CA HIS A 198 -7.42 -10.40 3.39
C HIS A 198 -6.03 -10.47 2.74
N SER A 199 -5.05 -11.10 3.39
CA SER A 199 -3.73 -11.23 2.77
C SER A 199 -3.12 -12.65 2.76
N PRO A 200 -3.83 -13.66 2.33
CA PRO A 200 -3.20 -14.98 2.38
C PRO A 200 -2.08 -15.10 1.34
N LEU A 201 -1.01 -15.82 1.66
CA LEU A 201 0.06 -16.05 0.70
C LEU A 201 -0.35 -17.10 -0.34
N PHE A 202 -0.92 -18.21 0.12
CA PHE A 202 -1.34 -19.31 -0.76
C PHE A 202 -2.82 -19.58 -0.63
N ARG A 203 -3.34 -20.34 -1.58
CA ARG A 203 -4.75 -20.69 -1.62
C ARG A 203 -5.11 -21.58 -0.45
N GLY A 204 -4.24 -22.52 -0.17
CA GLY A 204 -4.56 -23.53 0.80
C GLY A 204 -5.70 -24.46 0.35
N ASN A 205 -5.31 -25.69 0.01
CA ASN A 205 -6.18 -26.81 -0.43
C ASN A 205 -7.62 -26.91 0.14
N SER A 206 -7.91 -26.23 1.24
CA SER A 206 -9.26 -26.18 1.79
C SER A 206 -10.20 -25.18 1.05
N ASP A 207 -9.67 -24.00 0.73
CA ASP A 207 -10.45 -22.82 0.25
C ASP A 207 -11.61 -23.05 -0.77
N GLY A 208 -12.80 -22.54 -0.43
CA GLY A 208 -14.02 -22.67 -1.23
C GLY A 208 -14.29 -21.53 -2.20
N SER A 209 -14.37 -21.86 -3.50
CA SER A 209 -14.68 -20.92 -4.60
C SER A 209 -13.66 -19.87 -5.06
N SER A 210 -12.51 -19.66 -4.42
CA SER A 210 -11.65 -18.60 -4.95
C SER A 210 -10.19 -18.98 -4.89
N ARG A 211 -9.86 -19.76 -6.02
CA ARG A 211 -8.47 -20.10 -6.31
C ARG A 211 -7.61 -18.85 -6.51
N PHE A 212 -8.26 -17.73 -6.84
CA PHE A 212 -7.59 -16.50 -7.27
C PHE A 212 -7.30 -15.46 -6.18
N SER A 213 -7.82 -15.65 -4.99
CA SER A 213 -7.76 -14.63 -3.96
C SER A 213 -6.61 -14.83 -2.98
N ASN A 214 -5.39 -14.84 -3.49
CA ASN A 214 -4.23 -15.03 -2.66
C ASN A 214 -3.07 -14.37 -3.39
N ALA A 215 -2.00 -14.08 -2.66
CA ALA A 215 -0.89 -13.32 -3.19
C ALA A 215 -0.17 -14.06 -4.33
N ASP A 216 0.06 -15.35 -4.11
CA ASP A 216 0.68 -16.23 -5.12
C ASP A 216 -0.03 -16.20 -6.47
N TYR A 217 -1.35 -16.35 -6.49
CA TYR A 217 -2.08 -16.24 -7.74
C TYR A 217 -1.88 -14.87 -8.41
N ALA A 218 -1.99 -13.77 -7.64
CA ALA A 218 -1.92 -12.41 -8.21
C ALA A 218 -0.58 -12.11 -8.86
N VAL A 219 0.51 -12.44 -8.14
CA VAL A 219 1.87 -12.33 -8.64
C VAL A 219 2.06 -13.14 -9.93
N SER A 220 1.73 -14.46 -9.92
CA SER A 220 1.83 -15.32 -11.11
C SER A 220 1.01 -14.75 -12.27
N TYR A 221 -0.21 -14.29 -12.00
CA TYR A 221 -1.03 -13.62 -13.02
C TYR A 221 -0.42 -12.31 -13.61
N MET A 222 0.17 -11.46 -12.79
CA MET A 222 0.86 -10.27 -13.30
C MET A 222 2.04 -10.68 -14.17
N LEU A 223 2.79 -11.69 -13.72
CA LEU A 223 3.94 -12.17 -14.47
C LEU A 223 3.46 -12.66 -15.82
N ARG A 224 2.39 -13.45 -15.82
CA ARG A 224 1.79 -13.90 -17.08
C ARG A 224 1.26 -12.80 -18.01
N LEU A 225 0.69 -11.74 -17.45
CA LEU A 225 0.18 -10.63 -18.25
C LEU A 225 1.27 -9.77 -18.85
N GLY A 226 2.50 -9.96 -18.40
CA GLY A 226 3.62 -9.22 -18.96
C GLY A 226 4.31 -8.19 -18.08
N ALA A 227 3.96 -8.08 -16.80
CA ALA A 227 4.76 -7.30 -15.88
C ALA A 227 6.08 -8.05 -15.57
N PRO A 228 7.20 -7.39 -15.81
CA PRO A 228 8.50 -7.96 -15.53
C PRO A 228 8.72 -8.06 -14.05
N ALA A 229 9.35 -9.15 -13.62
CA ALA A 229 9.54 -9.39 -12.21
C ALA A 229 10.28 -8.22 -11.56
N ASN A 230 11.24 -7.64 -12.26
CA ASN A 230 12.03 -6.58 -11.68
C ASN A 230 11.34 -5.21 -11.61
N LYS A 231 10.05 -5.14 -11.92
CA LYS A 231 9.28 -3.94 -11.78
C LYS A 231 8.14 -4.18 -10.77
N LEU A 232 7.99 -5.42 -10.34
CA LEU A 232 6.85 -5.82 -9.52
C LEU A 232 7.26 -5.83 -8.08
N VAL A 233 6.48 -5.15 -7.27
CA VAL A 233 6.74 -4.99 -5.84
C VAL A 233 5.51 -5.56 -5.11
N MET A 234 5.70 -6.48 -4.18
CA MET A 234 4.57 -7.13 -3.50
C MET A 234 4.19 -6.36 -2.25
N GLY A 235 2.91 -6.04 -2.15
CA GLY A 235 2.41 -5.28 -1.03
C GLY A 235 2.25 -6.14 0.17
N ILE A 236 2.71 -5.62 1.30
CA ILE A 236 2.62 -6.33 2.56
C ILE A 236 2.01 -5.35 3.58
N PRO A 237 0.92 -5.75 4.21
CA PRO A 237 0.24 -4.85 5.13
C PRO A 237 0.81 -4.87 6.54
N THR A 238 0.70 -3.72 7.16
CA THR A 238 1.11 -3.50 8.49
C THR A 238 -0.08 -3.30 9.41
N PHE A 239 -1.28 -3.38 8.84
CA PHE A 239 -2.53 -3.27 9.58
C PHE A 239 -3.21 -4.64 9.58
N GLY A 240 -4.32 -4.76 10.30
CA GLY A 240 -5.13 -5.97 10.32
C GLY A 240 -6.56 -5.57 10.04
N ARG A 241 -7.39 -6.54 9.74
CA ARG A 241 -8.79 -6.32 9.52
C ARG A 241 -9.59 -7.05 10.60
N SER A 242 -10.57 -6.34 11.15
CA SER A 242 -11.39 -6.83 12.24
C SER A 242 -12.86 -7.02 11.87
N TYR A 243 -13.48 -8.04 12.45
CA TYR A 243 -14.87 -8.40 12.23
C TYR A 243 -15.58 -8.69 13.55
N THR A 244 -16.85 -8.34 13.63
CA THR A 244 -17.69 -8.70 14.78
C THR A 244 -18.34 -10.05 14.47
N LEU A 245 -18.05 -11.09 15.25
CA LEU A 245 -18.63 -12.41 15.01
C LEU A 245 -20.15 -12.45 15.22
N ALA A 246 -20.87 -13.13 14.34
CA ALA A 246 -22.32 -13.26 14.45
C ALA A 246 -22.76 -14.46 15.32
N SER A 247 -21.80 -15.35 15.65
CA SER A 247 -22.09 -16.54 16.45
C SER A 247 -20.87 -16.81 17.34
N SER A 248 -20.82 -17.96 18.01
CA SER A 248 -19.64 -18.26 18.84
C SER A 248 -18.58 -19.03 18.04
N SER A 249 -18.89 -19.26 16.77
CA SER A 249 -18.02 -19.92 15.81
C SER A 249 -16.90 -18.98 15.38
N THR A 250 -15.65 -19.44 15.44
CA THR A 250 -14.47 -18.61 15.13
C THR A 250 -13.53 -19.21 14.09
N ARG A 251 -13.87 -20.37 13.53
CA ARG A 251 -13.03 -20.99 12.50
C ARG A 251 -13.48 -20.54 11.12
N VAL A 252 -12.81 -21.04 10.08
CA VAL A 252 -13.12 -20.70 8.69
C VAL A 252 -14.60 -20.78 8.37
N GLY A 253 -15.13 -19.77 7.67
CA GLY A 253 -16.54 -19.76 7.27
C GLY A 253 -17.53 -19.21 8.30
N ALA A 254 -17.08 -18.85 9.51
CA ALA A 254 -17.94 -18.27 10.57
C ALA A 254 -18.72 -17.04 10.10
N PRO A 255 -19.96 -16.97 10.49
CA PRO A 255 -20.80 -15.79 10.32
C PRO A 255 -20.21 -14.46 10.87
N ILE A 256 -20.66 -13.29 10.40
CA ILE A 256 -20.19 -11.99 10.94
C ILE A 256 -21.35 -11.01 10.84
N SER A 257 -21.40 -10.03 11.73
CA SER A 257 -22.49 -9.07 11.69
C SER A 257 -22.04 -7.75 11.05
N GLY A 258 -20.72 -7.55 10.96
CA GLY A 258 -20.12 -6.34 10.38
C GLY A 258 -18.63 -6.19 10.75
N PRO A 259 -18.08 -5.00 10.55
CA PRO A 259 -16.74 -4.59 11.03
C PRO A 259 -16.44 -4.83 12.46
N GLY A 260 -15.16 -4.82 12.78
CA GLY A 260 -14.82 -4.97 14.18
C GLY A 260 -14.96 -3.59 14.80
N ILE A 261 -14.88 -3.50 16.12
CA ILE A 261 -14.95 -2.21 16.79
C ILE A 261 -13.66 -1.41 16.56
N PRO A 262 -13.77 -0.11 16.34
CA PRO A 262 -12.63 0.79 16.21
C PRO A 262 -11.52 0.64 17.22
N GLY A 263 -10.30 0.97 16.78
CA GLY A 263 -9.14 0.92 17.66
C GLY A 263 -9.03 2.25 18.39
N GLN A 264 -8.38 2.23 19.55
CA GLN A 264 -8.14 3.37 20.43
C GLN A 264 -7.55 4.54 19.67
N PHE A 265 -6.56 4.26 18.83
CA PHE A 265 -5.85 5.30 18.11
C PHE A 265 -6.29 5.52 16.63
N THR A 266 -6.56 4.45 15.89
CA THR A 266 -6.92 4.61 14.48
C THR A 266 -8.37 5.06 14.30
N LYS A 267 -9.26 4.69 15.22
CA LYS A 267 -10.66 5.17 15.19
C LYS A 267 -11.40 4.91 13.87
N GLU A 268 -11.18 3.73 13.30
CA GLU A 268 -11.79 3.35 12.04
C GLU A 268 -12.32 1.92 12.13
N LYS A 269 -13.62 1.76 11.96
CA LYS A 269 -14.26 0.45 12.02
C LYS A 269 -13.66 -0.50 11.00
N GLY A 270 -13.36 -1.73 11.39
CA GLY A 270 -12.84 -2.70 10.45
C GLY A 270 -11.32 -2.80 10.28
N ILE A 271 -10.55 -1.87 10.83
CA ILE A 271 -9.11 -2.05 10.79
C ILE A 271 -8.45 -1.65 12.08
N LEU A 272 -7.26 -2.24 12.28
CA LEU A 272 -6.42 -1.99 13.43
C LEU A 272 -4.98 -1.83 12.96
N ALA A 273 -4.27 -0.86 13.50
CA ALA A 273 -2.82 -0.78 13.34
C ALA A 273 -2.18 -1.99 14.02
N TYR A 274 -0.98 -2.35 13.59
CA TYR A 274 -0.23 -3.44 14.22
C TYR A 274 0.08 -3.17 15.71
N TYR A 275 0.32 -1.90 16.04
CA TYR A 275 0.61 -1.54 17.43
C TYR A 275 -0.67 -1.65 18.26
N GLU A 276 -1.83 -1.56 17.63
CA GLU A 276 -3.07 -1.83 18.34
C GLU A 276 -3.32 -3.35 18.50
N ILE A 277 -2.90 -4.14 17.50
CA ILE A 277 -3.00 -5.61 17.54
C ILE A 277 -2.11 -6.21 18.60
N CYS A 278 -0.91 -5.66 18.77
CA CYS A 278 -0.02 -6.04 19.86
C CYS A 278 -0.72 -5.97 21.20
N ASP A 279 -1.51 -4.92 21.41
CA ASP A 279 -2.27 -4.75 22.64
C ASP A 279 -3.44 -5.75 22.66
N PHE A 280 -4.26 -5.82 21.60
CA PHE A 280 -5.35 -6.80 21.41
C PHE A 280 -4.97 -8.26 21.74
N LEU A 281 -3.75 -8.66 21.40
CA LEU A 281 -3.29 -10.04 21.59
C LEU A 281 -3.28 -10.51 23.07
N HIS A 282 -3.06 -9.58 24.00
CA HIS A 282 -3.09 -9.90 25.43
C HIS A 282 -4.48 -10.39 25.73
N GLY A 283 -4.60 -11.68 26.00
CA GLY A 283 -5.90 -12.28 26.28
C GLY A 283 -6.64 -12.83 25.09
N ALA A 284 -6.02 -12.86 23.92
CA ALA A 284 -6.68 -13.33 22.73
C ALA A 284 -6.24 -14.77 22.48
N THR A 285 -7.01 -15.54 21.73
CA THR A 285 -6.47 -16.81 21.25
C THR A 285 -5.88 -16.59 19.85
N THR A 286 -4.67 -17.07 19.62
CA THR A 286 -4.03 -16.93 18.32
C THR A 286 -4.07 -18.23 17.55
N HIS A 287 -4.23 -18.15 16.23
CA HIS A 287 -4.27 -19.30 15.36
C HIS A 287 -3.48 -18.92 14.11
N ARG A 288 -3.16 -19.92 13.30
CA ARG A 288 -2.48 -19.68 12.03
C ARG A 288 -3.06 -20.60 10.96
N PHE A 289 -3.48 -20.00 9.85
CA PHE A 289 -3.89 -20.77 8.67
C PHE A 289 -2.61 -21.35 8.10
N ARG A 290 -2.48 -22.67 8.18
CA ARG A 290 -1.24 -23.33 7.84
C ARG A 290 -0.99 -23.35 6.33
N ASP A 291 -2.07 -23.47 5.56
CA ASP A 291 -1.99 -23.42 4.11
C ASP A 291 -1.81 -21.99 3.60
N GLN A 292 -2.57 -21.07 4.17
CA GLN A 292 -2.51 -19.65 3.79
C GLN A 292 -1.25 -18.97 4.38
N GLN A 293 -0.74 -19.51 5.49
CA GLN A 293 0.48 -19.04 6.17
C GLN A 293 0.36 -17.63 6.73
N VAL A 294 -0.79 -17.34 7.31
CA VAL A 294 -1.05 -16.07 7.93
C VAL A 294 -1.83 -16.28 9.21
N PRO A 295 -1.56 -15.50 10.25
CA PRO A 295 -2.29 -15.67 11.50
C PRO A 295 -3.63 -14.91 11.62
N TYR A 296 -4.42 -15.32 12.61
CA TYR A 296 -5.61 -14.57 13.02
C TYR A 296 -5.79 -14.74 14.52
N ALA A 297 -6.55 -13.83 15.13
CA ALA A 297 -6.73 -13.86 16.57
C ALA A 297 -8.15 -13.50 16.90
N THR A 298 -8.61 -13.98 18.07
CA THR A 298 -10.00 -13.78 18.45
C THR A 298 -10.12 -13.60 19.98
N LYS A 299 -11.03 -12.74 20.40
CA LYS A 299 -11.19 -12.35 21.79
C LYS A 299 -12.62 -11.88 21.83
N GLY A 300 -13.46 -12.47 22.68
CA GLY A 300 -14.84 -12.03 22.75
C GLY A 300 -15.58 -12.27 21.44
N ASN A 301 -16.29 -11.27 20.93
CA ASN A 301 -16.92 -11.40 19.62
C ASN A 301 -16.09 -10.74 18.52
N GLN A 302 -14.81 -10.54 18.76
CA GLN A 302 -13.96 -9.81 17.82
C GLN A 302 -12.96 -10.77 17.20
N TRP A 303 -12.84 -10.70 15.88
CA TRP A 303 -12.00 -11.61 15.12
C TRP A 303 -11.10 -10.78 14.21
N VAL A 304 -9.79 -10.93 14.39
CA VAL A 304 -8.80 -10.13 13.67
C VAL A 304 -7.85 -10.99 12.79
N ALA A 305 -7.80 -10.63 11.51
CA ALA A 305 -6.83 -11.18 10.54
C ALA A 305 -5.68 -10.18 10.40
N TYR A 306 -4.45 -10.64 10.61
CA TYR A 306 -3.33 -9.74 10.62
C TYR A 306 -2.09 -10.44 10.12
N ASP A 307 -1.00 -9.68 10.06
CA ASP A 307 0.31 -10.17 9.70
C ASP A 307 1.26 -9.89 10.87
N ASP A 308 2.16 -10.82 11.15
CA ASP A 308 3.11 -10.66 12.24
C ASP A 308 4.52 -10.86 11.70
N GLN A 309 5.53 -10.88 12.57
CA GLN A 309 6.89 -10.99 12.09
C GLN A 309 7.12 -12.22 11.26
N GLU A 310 6.57 -13.37 11.67
CA GLU A 310 6.74 -14.59 10.90
C GLU A 310 6.06 -14.54 9.53
N SER A 311 4.84 -14.04 9.46
CA SER A 311 4.10 -14.07 8.21
C SER A 311 4.75 -13.12 7.18
N VAL A 312 5.24 -12.00 7.66
CA VAL A 312 5.86 -10.95 6.84
C VAL A 312 7.23 -11.43 6.31
N LYS A 313 7.94 -12.18 7.12
CA LYS A 313 9.23 -12.73 6.72
C LYS A 313 9.04 -13.85 5.68
N ASN A 314 7.98 -14.58 5.85
CA ASN A 314 7.59 -15.57 4.89
C ASN A 314 7.23 -15.01 3.50
N LYS A 315 6.44 -13.94 3.51
CA LYS A 315 6.09 -13.23 2.28
C LYS A 315 7.32 -12.65 1.62
N ALA A 316 8.23 -12.10 2.42
CA ALA A 316 9.49 -11.56 1.90
C ALA A 316 10.36 -12.66 1.26
N ARG A 317 10.42 -13.84 1.87
CA ARG A 317 11.15 -14.98 1.30
C ARG A 317 10.51 -15.41 0.00
N TYR A 318 9.18 -15.44 -0.02
CA TYR A 318 8.46 -15.81 -1.22
C TYR A 318 8.83 -14.89 -2.38
N LEU A 319 8.87 -13.60 -2.11
CA LEU A 319 9.08 -12.64 -3.19
C LEU A 319 10.51 -12.69 -3.70
N LYS A 320 11.48 -12.85 -2.79
CA LYS A 320 12.87 -13.12 -3.16
C LYS A 320 12.98 -14.39 -4.04
N ASN A 321 12.30 -15.48 -3.64
CA ASN A 321 12.32 -16.73 -4.40
C ASN A 321 11.72 -16.60 -5.79
N ARG A 322 10.81 -15.65 -5.93
CA ARG A 322 10.19 -15.31 -7.18
C ARG A 322 10.96 -14.25 -7.93
N GLN A 323 12.07 -13.80 -7.35
CA GLN A 323 12.89 -12.70 -7.89
C GLN A 323 12.16 -11.37 -8.24
N LEU A 324 11.27 -10.93 -7.36
CA LEU A 324 10.58 -9.66 -7.58
C LEU A 324 11.52 -8.52 -7.17
N ALA A 325 11.14 -7.31 -7.55
CA ALA A 325 11.95 -6.11 -7.28
C ALA A 325 12.03 -5.78 -5.82
N GLY A 326 11.00 -6.14 -5.07
CA GLY A 326 11.04 -5.89 -3.63
C GLY A 326 9.66 -5.99 -3.03
N ALA A 327 9.50 -5.32 -1.90
CA ALA A 327 8.31 -5.31 -1.07
C ALA A 327 7.83 -3.85 -0.93
N MET A 328 6.51 -3.68 -0.74
CA MET A 328 5.87 -2.41 -0.50
C MET A 328 5.15 -2.56 0.79
N VAL A 329 5.25 -1.53 1.64
CA VAL A 329 4.59 -1.56 2.93
C VAL A 329 3.50 -0.48 3.04
N TRP A 330 2.30 -0.91 3.41
CA TRP A 330 1.23 0.00 3.74
C TRP A 330 0.95 -0.30 5.20
N ALA A 331 1.30 0.59 6.13
CA ALA A 331 1.91 1.89 5.94
C ALA A 331 2.81 2.09 7.20
N LEU A 332 3.86 2.86 7.09
CA LEU A 332 4.78 3.11 8.20
C LEU A 332 4.10 3.56 9.50
N ASP A 333 3.03 4.33 9.39
CA ASP A 333 2.36 4.85 10.58
C ASP A 333 1.44 3.84 11.26
N LEU A 334 1.29 2.65 10.67
CA LEU A 334 0.50 1.57 11.23
C LEU A 334 1.38 0.45 11.82
N ASP A 335 2.66 0.44 11.48
CA ASP A 335 3.62 -0.44 12.13
C ASP A 335 3.89 0.15 13.53
N ASP A 336 4.52 -0.60 14.43
CA ASP A 336 4.92 -0.04 15.74
C ASP A 336 6.12 0.93 15.59
N PHE A 337 5.82 2.15 15.13
CA PHE A 337 6.86 3.10 14.76
C PHE A 337 7.63 3.67 15.97
N ARG A 338 6.97 3.82 17.12
CA ARG A 338 7.66 4.24 18.34
C ARG A 338 8.45 3.08 18.97
N GLY A 339 7.97 1.86 18.80
CA GLY A 339 8.68 0.68 19.28
C GLY A 339 8.33 0.36 20.73
N THR A 340 7.18 0.84 21.20
CA THR A 340 6.84 0.75 22.61
C THR A 340 5.51 0.08 22.91
N PHE A 341 4.88 -0.54 21.91
CA PHE A 341 3.65 -1.29 22.11
C PHE A 341 3.81 -2.81 22.04
N CYS A 342 4.77 -3.29 21.25
CA CYS A 342 4.81 -4.71 20.89
C CYS A 342 5.83 -5.59 21.62
N GLY A 343 6.21 -5.19 22.81
CA GLY A 343 7.21 -5.93 23.55
C GLY A 343 8.56 -5.28 23.29
N GLN A 344 9.49 -6.07 22.75
CA GLN A 344 10.84 -5.62 22.39
C GLN A 344 10.97 -4.10 22.17
N ASN A 345 12.12 -3.48 22.46
CA ASN A 345 12.21 -2.03 22.18
C ASN A 345 12.68 -1.78 20.76
N LEU A 346 11.94 -2.38 19.83
CA LEU A 346 12.25 -2.38 18.43
C LEU A 346 11.20 -1.53 17.70
N THR A 347 11.65 -0.36 17.26
CA THR A 347 10.85 0.50 16.40
C THR A 347 10.67 -0.16 14.98
N PHE A 348 9.47 -0.06 14.42
CA PHE A 348 9.15 -0.63 13.09
C PHE A 348 9.44 -2.16 13.02
N PRO A 349 8.88 -2.95 13.91
CA PRO A 349 9.16 -4.40 13.93
C PRO A 349 8.76 -5.19 12.67
N LEU A 350 7.64 -4.83 12.04
CA LEU A 350 7.21 -5.50 10.83
C LEU A 350 8.08 -5.11 9.67
N THR A 351 8.27 -3.81 9.46
CA THR A 351 9.10 -3.32 8.36
C THR A 351 10.54 -3.81 8.49
N SER A 352 11.10 -3.78 9.70
CA SER A 352 12.45 -4.29 10.00
C SER A 352 12.62 -5.76 9.68
N ALA A 353 11.60 -6.55 9.99
CA ALA A 353 11.64 -7.98 9.71
C ALA A 353 11.72 -8.21 8.18
N ILE A 354 10.94 -7.44 7.42
CA ILE A 354 10.99 -7.52 5.98
C ILE A 354 12.39 -7.16 5.49
N LYS A 355 12.95 -6.07 6.02
CA LYS A 355 14.26 -5.60 5.60
C LYS A 355 15.39 -6.63 5.88
N ASP A 356 15.29 -7.29 7.03
CA ASP A 356 16.23 -8.33 7.42
C ASP A 356 16.26 -9.46 6.42
N VAL A 357 15.08 -9.94 6.02
CA VAL A 357 15.01 -11.00 5.02
C VAL A 357 15.58 -10.52 3.67
N LEU A 358 15.20 -9.31 3.25
CA LEU A 358 15.65 -8.78 1.95
C LEU A 358 17.17 -8.54 1.91
N ALA A 359 17.78 -8.26 3.06
CA ALA A 359 19.23 -8.10 3.16
C ALA A 359 20.03 -9.41 3.34
N ARG A 360 19.40 -10.57 3.43
CA ARG A 360 20.19 -11.84 3.38
C ARG A 360 20.31 -12.42 1.95
N VAL A 361 21.16 -13.42 1.81
CA VAL A 361 21.34 -14.09 0.52
C VAL A 361 20.00 -14.58 -0.05
#